data_7OA0
#
_entry.id   7OA0
#
_cell.length_a   68.220
_cell.length_b   68.220
_cell.length_c   283.140
_cell.angle_alpha   90.000
_cell.angle_beta   90.000
_cell.angle_gamma   120.000
#
_symmetry.space_group_name_H-M   'P 65 2 2'
#
loop_
_entity.id
_entity.type
_entity.pdbx_description
1 polymer 'Dual specificity protein kinase CLK1'
2 non-polymer 5-[6,7-bis(chloranyl)-1-methyl-indol-3-yl]pyrimidin-4-amine
3 water water
#
_entity_poly.entity_id   1
_entity_poly.type   'polypeptide(L)'
_entity_poly.pdbx_seq_one_letter_code
;HLICQSGDVLSARYEIVDTLGEGAFGKVVECIDHKAGGRHVAVKIVKNVDRYCEAARSEIQVLEHLNTTDPNSTFRCVQM
LEWFEHHGHICIVFELLGLSTYDFIKENGFLPFRLDHIRKMAYQICKSVNFLHSNKLTHTDLKPENILFVQSDYTEAYNP
KIKRDERTLINPDIKVVDFGSATYDDEHHSTLVSTRHYRAPEVILALGWSQPCDVWSIGCILIEYYLGFTVFPTHDSKEH
LAMMERILGPLPKHMIQKTRKRKYFHHDRLDWDEHSSAGRYVSRRCKPLKEFMLSQDVEHERLFDLIQKMLEYDPAKRIT
LREALKHPFFDLLKKSI
;
_entity_poly.pdbx_strand_id   AAA
#
# COMPACT_ATOMS: atom_id res chain seq x y z
N GLN A 5 -10.42 8.13 24.49
CA GLN A 5 -10.20 9.59 24.41
C GLN A 5 -11.41 10.28 23.78
N SER A 6 -12.41 9.56 23.23
CA SER A 6 -13.71 10.08 22.74
C SER A 6 -14.28 11.11 23.73
N GLY A 7 -14.75 12.27 23.24
CA GLY A 7 -15.19 13.44 24.02
C GLY A 7 -14.10 14.50 24.18
N ASP A 8 -12.82 14.11 24.15
CA ASP A 8 -11.68 15.08 24.16
C ASP A 8 -11.85 16.13 23.03
N VAL A 9 -11.32 17.34 23.24
CA VAL A 9 -11.51 18.49 22.32
C VAL A 9 -10.16 19.14 22.04
N LEU A 10 -9.74 19.07 20.76
CA LEU A 10 -8.39 19.39 20.27
C LEU A 10 -8.47 20.80 19.72
N SER A 11 -7.58 21.70 20.14
CA SER A 11 -7.42 23.03 19.52
C SER A 11 -8.75 23.82 19.67
N ALA A 12 -9.54 23.46 20.69
CA ALA A 12 -10.81 24.11 21.08
C ALA A 12 -11.83 24.04 19.97
N ARG A 13 -11.73 23.09 19.03
CA ARG A 13 -12.79 22.98 18.01
C ARG A 13 -13.08 21.54 17.63
N TYR A 14 -12.12 20.62 17.69
CA TYR A 14 -12.29 19.25 17.16
C TYR A 14 -12.68 18.32 18.32
N GLU A 15 -13.92 17.86 18.32
CA GLU A 15 -14.39 16.84 19.28
C GLU A 15 -14.23 15.44 18.69
N ILE A 16 -13.43 14.61 19.37
CA ILE A 16 -13.24 13.20 18.96
C ILE A 16 -14.56 12.47 19.12
N VAL A 17 -15.04 11.78 18.08
CA VAL A 17 -16.33 11.02 18.14
C VAL A 17 -16.11 9.56 17.74
N ASP A 18 -14.92 9.14 17.30
CA ASP A 18 -14.69 7.75 16.82
C ASP A 18 -13.21 7.53 16.47
N THR A 19 -12.73 6.29 16.57
CA THR A 19 -11.39 5.87 16.11
C THR A 19 -11.51 5.25 14.71
N LEU A 20 -10.88 5.88 13.72
CA LEU A 20 -10.89 5.38 12.33
C LEU A 20 -9.80 4.32 12.18
N GLY A 21 -8.75 4.38 12.96
CA GLY A 21 -7.60 3.51 12.71
C GLY A 21 -6.47 3.78 13.68
N GLU A 22 -5.50 2.88 13.72
CA GLU A 22 -4.51 2.81 14.81
C GLU A 22 -3.23 2.24 14.21
N GLY A 23 -2.08 2.57 14.77
CA GLY A 23 -0.77 2.29 14.15
C GLY A 23 0.33 2.49 15.18
N ALA A 24 1.54 2.00 14.89
CA ALA A 24 2.77 2.34 15.65
C ALA A 24 2.69 3.81 16.11
N PHE A 25 2.32 4.70 15.19
CA PHE A 25 2.45 6.17 15.34
C PHE A 25 1.49 6.73 16.40
N GLY A 26 0.36 6.06 16.63
CA GLY A 26 -0.73 6.64 17.43
C GLY A 26 -2.05 6.22 16.81
N LYS A 27 -2.96 7.16 16.60
CA LYS A 27 -4.27 6.81 16.00
C LYS A 27 -4.77 7.92 15.07
N VAL A 28 -5.74 7.55 14.25
CA VAL A 28 -6.55 8.53 13.47
C VAL A 28 -7.97 8.47 14.02
N VAL A 29 -8.51 9.63 14.32
CA VAL A 29 -9.87 9.78 14.90
C VAL A 29 -10.72 10.63 13.99
N GLU A 30 -12.01 10.39 14.07
CA GLU A 30 -13.06 11.20 13.41
C GLU A 30 -13.46 12.25 14.43
N CYS A 31 -13.45 13.53 14.07
CA CYS A 31 -13.91 14.63 14.94
C CYS A 31 -15.02 15.42 14.31
N ILE A 32 -15.90 15.97 15.15
CA ILE A 32 -16.84 17.06 14.78
C ILE A 32 -16.03 18.36 14.88
N ASP A 33 -16.20 19.22 13.89
CA ASP A 33 -15.59 20.55 13.86
C ASP A 33 -16.63 21.54 14.30
N HIS A 34 -16.56 21.96 15.55
CA HIS A 34 -17.56 22.84 16.22
C HIS A 34 -17.48 24.24 15.61
N LYS A 35 -16.38 24.58 14.93
CA LYS A 35 -16.27 25.91 14.30
C LYS A 35 -16.63 25.86 12.81
N ALA A 36 -16.91 24.70 12.20
CA ALA A 36 -17.42 24.63 10.80
C ALA A 36 -18.69 23.77 10.72
N GLY A 37 -19.70 24.25 11.45
CA GLY A 37 -21.11 23.85 11.29
C GLY A 37 -21.36 22.42 11.74
N GLY A 38 -20.40 21.83 12.45
CA GLY A 38 -20.44 20.44 12.93
C GLY A 38 -19.88 19.44 11.93
N ARG A 39 -19.40 19.82 10.73
CA ARG A 39 -19.01 18.84 9.65
C ARG A 39 -17.78 18.06 10.15
N HIS A 40 -17.51 16.89 9.55
CA HIS A 40 -16.59 15.90 10.17
C HIS A 40 -15.24 15.93 9.48
N VAL A 41 -14.16 15.79 10.24
CA VAL A 41 -12.79 15.73 9.68
C VAL A 41 -12.11 14.49 10.27
N ALA A 42 -10.94 14.11 9.72
CA ALA A 42 -10.07 13.09 10.33
C ALA A 42 -8.93 13.81 11.03
N VAL A 43 -8.45 13.26 12.14
CA VAL A 43 -7.30 13.87 12.88
C VAL A 43 -6.36 12.73 13.23
N LYS A 44 -5.13 12.85 12.76
CA LYS A 44 -4.10 11.89 13.15
C LYS A 44 -3.48 12.48 14.41
N ILE A 45 -3.45 11.68 15.48
CA ILE A 45 -2.91 12.12 16.79
C ILE A 45 -1.70 11.24 17.04
N VAL A 46 -0.52 11.86 17.01
CA VAL A 46 0.73 11.06 16.99
C VAL A 46 1.22 10.93 18.43
N LYS A 47 1.75 9.77 18.77
CA LYS A 47 2.26 9.54 20.15
C LYS A 47 3.29 10.60 20.51
N ASN A 48 3.40 10.83 21.80
CA ASN A 48 4.38 11.80 22.34
C ASN A 48 5.69 11.05 22.56
N VAL A 49 6.38 10.72 21.47
CA VAL A 49 7.53 9.77 21.38
C VAL A 49 8.37 10.25 20.21
N ASP A 50 9.67 10.50 20.42
CA ASP A 50 10.55 11.19 19.43
C ASP A 50 10.34 10.62 18.03
N ARG A 51 10.44 9.32 17.86
CA ARG A 51 10.54 8.77 16.49
C ARG A 51 9.22 9.06 15.76
N TYR A 52 8.11 9.08 16.50
CA TYR A 52 6.78 9.30 15.90
C TYR A 52 6.61 10.81 15.68
N CYS A 53 7.06 11.64 16.62
CA CYS A 53 7.08 13.09 16.40
C CYS A 53 7.82 13.44 15.11
N GLU A 54 9.01 12.87 14.92
CA GLU A 54 9.89 13.28 13.78
C GLU A 54 9.20 12.89 12.46
N ALA A 55 8.57 11.73 12.46
CA ALA A 55 7.87 11.19 11.28
C ALA A 55 6.64 12.06 10.99
N ALA A 56 5.92 12.55 12.03
CA ALA A 56 4.78 13.45 11.81
C ALA A 56 5.31 14.77 11.23
N ARG A 57 6.39 15.34 11.77
CA ARG A 57 6.88 16.62 11.19
C ARG A 57 7.28 16.39 9.71
N SER A 58 7.91 15.27 9.40
CA SER A 58 8.35 14.88 8.03
C SER A 58 7.12 14.78 7.13
N GLU A 59 6.07 14.13 7.61
CA GLU A 59 4.77 13.98 6.90
C GLU A 59 4.19 15.37 6.64
N ILE A 60 4.15 16.25 7.63
CA ILE A 60 3.63 17.61 7.42
C ILE A 60 4.47 18.30 6.33
N GLN A 61 5.79 18.19 6.36
CA GLN A 61 6.60 18.88 5.32
C GLN A 61 6.26 18.31 3.93
N VAL A 62 6.11 16.99 3.82
CA VAL A 62 5.75 16.37 2.52
C VAL A 62 4.36 16.87 2.09
N LEU A 63 3.36 16.84 2.95
CA LEU A 63 1.98 17.27 2.62
C LEU A 63 1.96 18.75 2.26
N GLU A 64 2.75 19.63 2.92
CA GLU A 64 2.81 21.06 2.53
C GLU A 64 3.35 21.14 1.09
N HIS A 65 4.36 20.35 0.74
CA HIS A 65 4.94 20.32 -0.63
C HIS A 65 3.88 19.77 -1.58
N LEU A 66 3.33 18.60 -1.30
CA LEU A 66 2.34 18.03 -2.25
C LEU A 66 1.11 18.89 -2.36
N ASN A 67 0.66 19.45 -1.25
CA ASN A 67 -0.65 20.16 -1.23
C ASN A 67 -0.45 21.51 -1.97
N THR A 68 0.74 22.11 -1.93
CA THR A 68 1.12 23.35 -2.69
C THR A 68 1.24 23.08 -4.18
N THR A 69 1.92 22.01 -4.57
CA THR A 69 2.07 21.67 -6.01
C THR A 69 0.73 21.25 -6.60
N ASP A 70 -0.06 20.50 -5.85
CA ASP A 70 -1.34 19.92 -6.32
C ASP A 70 -2.48 20.26 -5.35
N PRO A 71 -2.94 21.52 -5.27
CA PRO A 71 -3.86 21.92 -4.22
C PRO A 71 -5.24 21.26 -4.30
N ASN A 72 -5.63 20.80 -5.49
CA ASN A 72 -6.92 20.14 -5.71
C ASN A 72 -6.81 18.63 -5.65
N SER A 73 -5.64 18.08 -5.30
CA SER A 73 -5.48 16.62 -5.12
C SER A 73 -5.88 15.92 -6.44
N THR A 74 -5.53 16.52 -7.58
CA THR A 74 -5.62 15.88 -8.90
C THR A 74 -4.93 14.51 -8.86
N PHE A 75 -3.79 14.42 -8.17
CA PHE A 75 -3.00 13.19 -8.07
C PHE A 75 -3.35 12.39 -6.79
N ARG A 76 -4.44 12.72 -6.09
CA ARG A 76 -5.08 11.78 -5.12
C ARG A 76 -4.23 11.51 -3.87
N CYS A 77 -3.33 12.41 -3.48
CA CYS A 77 -2.72 12.42 -2.12
C CYS A 77 -3.74 13.03 -1.16
N VAL A 78 -3.93 12.41 0.00
CA VAL A 78 -4.79 12.97 1.05
C VAL A 78 -4.46 14.47 1.27
N GLN A 79 -5.49 15.25 1.50
CA GLN A 79 -5.37 16.70 1.76
C GLN A 79 -5.23 16.90 3.26
N MET A 80 -4.14 17.53 3.66
CA MET A 80 -3.96 18.08 5.00
C MET A 80 -4.68 19.43 5.05
N LEU A 81 -5.49 19.63 6.06
CA LEU A 81 -6.30 20.86 6.23
C LEU A 81 -5.53 21.85 7.13
N GLU A 82 -4.93 21.33 8.20
CA GLU A 82 -4.08 22.10 9.15
C GLU A 82 -3.34 21.12 10.05
N TRP A 83 -2.42 21.62 10.87
CA TRP A 83 -1.78 20.80 11.93
C TRP A 83 -1.60 21.64 13.18
N PHE A 84 -1.51 21.00 14.34
CA PHE A 84 -1.23 21.69 15.62
C PHE A 84 -0.68 20.66 16.62
N GLU A 85 -0.28 21.15 17.81
CA GLU A 85 0.13 20.31 18.96
C GLU A 85 -0.94 20.37 20.05
N HIS A 86 -1.07 19.27 20.80
CA HIS A 86 -2.14 19.07 21.80
C HIS A 86 -1.60 18.13 22.87
N HIS A 87 -1.15 18.66 24.02
CA HIS A 87 -0.59 17.88 25.15
C HIS A 87 0.65 17.13 24.65
N GLY A 88 1.48 17.80 23.83
CA GLY A 88 2.74 17.25 23.24
C GLY A 88 2.53 16.24 22.10
N HIS A 89 1.28 15.94 21.72
CA HIS A 89 0.95 15.13 20.52
C HIS A 89 0.82 16.06 19.30
N ILE A 90 1.58 15.82 18.22
CA ILE A 90 1.31 16.44 16.89
C ILE A 90 0.00 15.86 16.35
N CYS A 91 -0.91 16.75 16.03
CA CYS A 91 -2.22 16.44 15.42
C CYS A 91 -2.27 16.99 13.99
N ILE A 92 -2.50 16.09 13.01
CA ILE A 92 -2.69 16.48 11.58
C ILE A 92 -4.16 16.29 11.21
N VAL A 93 -4.80 17.38 10.84
CA VAL A 93 -6.22 17.40 10.38
C VAL A 93 -6.27 17.14 8.86
N PHE A 94 -7.06 16.14 8.48
CA PHE A 94 -7.25 15.72 7.07
C PHE A 94 -8.75 15.84 6.70
N GLU A 95 -8.98 15.96 5.41
CA GLU A 95 -10.27 15.63 4.77
C GLU A 95 -10.72 14.26 5.28
N LEU A 96 -11.99 14.13 5.65
CA LEU A 96 -12.47 12.78 6.07
C LEU A 96 -12.62 11.86 4.85
N LEU A 97 -11.88 10.77 4.81
CA LEU A 97 -12.05 9.75 3.75
C LEU A 97 -12.93 8.62 4.33
N GLY A 98 -13.26 7.66 3.48
CA GLY A 98 -14.05 6.48 3.86
C GLY A 98 -13.11 5.35 4.26
N LEU A 99 -13.56 4.12 4.11
CA LEU A 99 -12.76 2.95 4.56
C LEU A 99 -11.50 2.80 3.76
N SER A 100 -10.51 2.18 4.35
CA SER A 100 -9.35 1.67 3.59
C SER A 100 -9.82 0.58 2.63
N THR A 101 -9.06 0.32 1.60
CA THR A 101 -9.29 -0.84 0.70
C THR A 101 -9.24 -2.14 1.51
N TYR A 102 -8.33 -2.23 2.46
CA TYR A 102 -8.23 -3.39 3.39
C TYR A 102 -9.56 -3.57 4.13
N ASP A 103 -10.02 -2.53 4.82
CA ASP A 103 -11.25 -2.61 5.66
C ASP A 103 -12.41 -2.96 4.76
N PHE A 104 -12.45 -2.45 3.54
CA PHE A 104 -13.56 -2.75 2.63
C PHE A 104 -13.58 -4.24 2.31
N ILE A 105 -12.44 -4.79 1.90
CA ILE A 105 -12.32 -6.20 1.49
C ILE A 105 -12.69 -7.06 2.72
N LYS A 106 -12.18 -6.70 3.89
CA LYS A 106 -12.42 -7.43 5.14
C LYS A 106 -13.91 -7.47 5.43
N GLU A 107 -14.58 -6.32 5.45
CA GLU A 107 -16.03 -6.19 5.75
C GLU A 107 -16.89 -6.93 4.73
N ASN A 108 -16.30 -7.30 3.60
CA ASN A 108 -16.98 -7.98 2.49
C ASN A 108 -16.64 -9.48 2.50
N GLY A 109 -15.91 -10.00 3.50
CA GLY A 109 -15.61 -11.44 3.60
C GLY A 109 -14.37 -11.85 2.83
N PHE A 110 -13.53 -10.88 2.48
CA PHE A 110 -12.29 -11.16 1.74
C PHE A 110 -12.64 -11.62 0.31
N LEU A 111 -13.83 -11.21 -0.15
CA LEU A 111 -14.21 -11.31 -1.58
C LEU A 111 -13.33 -10.31 -2.31
N PRO A 112 -12.71 -10.72 -3.43
CA PRO A 112 -11.89 -9.79 -4.21
C PRO A 112 -12.72 -8.67 -4.84
N PHE A 113 -12.06 -7.58 -5.27
CA PHE A 113 -12.66 -6.55 -6.13
C PHE A 113 -12.90 -7.11 -7.55
N ARG A 114 -14.00 -6.68 -8.17
CA ARG A 114 -14.26 -6.93 -9.62
C ARG A 114 -13.12 -6.28 -10.41
N LEU A 115 -12.72 -6.87 -11.53
CA LEU A 115 -11.58 -6.44 -12.37
C LEU A 115 -11.77 -5.00 -12.82
N ASP A 116 -13.00 -4.54 -13.00
CA ASP A 116 -13.27 -3.20 -13.57
C ASP A 116 -12.87 -2.20 -12.48
N HIS A 117 -13.26 -2.47 -11.25
CA HIS A 117 -12.92 -1.67 -10.05
C HIS A 117 -11.40 -1.68 -9.86
N ILE A 118 -10.73 -2.83 -10.03
CA ILE A 118 -9.26 -2.99 -9.80
C ILE A 118 -8.52 -2.11 -10.80
N ARG A 119 -8.97 -2.16 -12.05
CA ARG A 119 -8.44 -1.31 -13.14
C ARG A 119 -8.44 0.15 -12.72
N LYS A 120 -9.57 0.66 -12.23
CA LYS A 120 -9.73 2.09 -11.86
C LYS A 120 -8.80 2.37 -10.66
N MET A 121 -8.81 1.49 -9.65
CA MET A 121 -8.10 1.77 -8.38
C MET A 121 -6.61 1.70 -8.66
N ALA A 122 -6.13 0.73 -9.46
CA ALA A 122 -4.74 0.56 -9.85
C ALA A 122 -4.28 1.81 -10.61
N TYR A 123 -5.10 2.29 -11.52
CA TYR A 123 -4.70 3.48 -12.32
C TYR A 123 -4.35 4.62 -11.33
N GLN A 124 -5.30 4.91 -10.46
CA GLN A 124 -5.29 6.03 -9.50
C GLN A 124 -4.14 5.89 -8.52
N ILE A 125 -3.86 4.67 -8.09
CA ILE A 125 -2.71 4.40 -7.20
C ILE A 125 -1.44 4.70 -7.98
N CYS A 126 -1.35 4.25 -9.23
CA CYS A 126 -0.15 4.45 -10.08
C CYS A 126 -0.01 5.94 -10.33
N LYS A 127 -1.10 6.65 -10.54
CA LYS A 127 -1.08 8.10 -10.93
C LYS A 127 -0.60 8.89 -9.72
N SER A 128 -1.11 8.56 -8.54
CA SER A 128 -0.77 9.17 -7.23
C SER A 128 0.71 8.94 -6.86
N VAL A 129 1.18 7.70 -6.93
CA VAL A 129 2.57 7.38 -6.56
C VAL A 129 3.55 7.93 -7.62
N ASN A 130 3.18 7.91 -8.89
CA ASN A 130 4.02 8.47 -9.95
C ASN A 130 4.24 9.96 -9.69
N PHE A 131 3.22 10.67 -9.20
CA PHE A 131 3.28 12.09 -8.81
C PHE A 131 4.35 12.26 -7.74
N LEU A 132 4.41 11.34 -6.77
CA LEU A 132 5.50 11.36 -5.76
C LEU A 132 6.81 11.09 -6.47
N HIS A 133 6.87 10.07 -7.32
CA HIS A 133 8.13 9.69 -7.99
C HIS A 133 8.61 10.91 -8.82
N SER A 134 7.68 11.67 -9.39
CA SER A 134 8.02 12.90 -10.21
C SER A 134 8.57 14.01 -9.34
N ASN A 135 8.39 13.95 -8.03
CA ASN A 135 8.76 14.99 -7.04
C ASN A 135 9.86 14.44 -6.18
N LYS A 136 10.65 13.51 -6.71
CA LYS A 136 11.84 12.99 -6.03
C LYS A 136 11.44 12.40 -4.67
N LEU A 137 10.30 11.74 -4.63
CA LEU A 137 9.79 11.11 -3.37
C LEU A 137 9.55 9.61 -3.63
N THR A 138 9.74 8.81 -2.59
CA THR A 138 9.33 7.40 -2.51
C THR A 138 8.43 7.20 -1.28
N HIS A 139 7.25 6.58 -1.43
CA HIS A 139 6.31 6.48 -0.29
C HIS A 139 6.92 5.53 0.76
N THR A 140 7.31 4.34 0.31
CA THR A 140 7.98 3.23 1.01
C THR A 140 7.02 2.34 1.79
N ASP A 141 5.80 2.74 2.02
CA ASP A 141 4.87 1.92 2.88
C ASP A 141 3.53 1.77 2.20
N LEU A 142 3.52 1.46 0.92
CA LEU A 142 2.24 1.22 0.21
C LEU A 142 1.69 -0.14 0.63
N LYS A 143 0.40 -0.14 0.91
CA LYS A 143 -0.32 -1.35 1.34
C LYS A 143 -1.79 -0.98 1.30
N PRO A 144 -2.71 -1.96 1.32
CA PRO A 144 -4.12 -1.68 1.22
C PRO A 144 -4.67 -0.81 2.34
N GLU A 145 -4.04 -0.85 3.51
CA GLU A 145 -4.44 -0.02 4.67
C GLU A 145 -4.15 1.46 4.38
N ASN A 146 -3.26 1.74 3.46
CA ASN A 146 -2.80 3.13 3.15
C ASN A 146 -3.44 3.62 1.85
N ILE A 147 -4.46 2.92 1.35
CA ILE A 147 -5.25 3.30 0.14
C ILE A 147 -6.68 3.36 0.61
N LEU A 148 -7.28 4.54 0.56
CA LEU A 148 -8.60 4.77 1.19
C LEU A 148 -9.54 5.20 0.09
N PHE A 149 -10.77 4.73 0.17
CA PHE A 149 -11.87 5.24 -0.70
C PHE A 149 -12.27 6.62 -0.19
N VAL A 150 -12.55 7.50 -1.15
CA VAL A 150 -13.13 8.85 -0.95
C VAL A 150 -14.51 8.71 -0.28
N GLN A 151 -15.36 7.84 -0.78
CA GLN A 151 -16.63 7.50 -0.09
C GLN A 151 -16.78 6.00 -0.30
N SER A 152 -17.10 5.27 0.77
CA SER A 152 -17.18 3.78 0.75
C SER A 152 -18.65 3.28 0.82
N ASP A 153 -19.62 4.18 0.57
CA ASP A 153 -21.04 3.90 0.20
C ASP A 153 -21.07 2.75 -0.82
N TYR A 154 -21.97 1.81 -0.62
CA TYR A 154 -22.12 0.61 -1.49
C TYR A 154 -23.60 0.32 -1.75
N THR A 155 -23.89 -0.31 -2.88
CA THR A 155 -25.14 -1.05 -3.14
C THR A 155 -24.89 -2.53 -2.83
N GLU A 156 -25.97 -3.26 -2.57
CA GLU A 156 -25.98 -4.74 -2.41
C GLU A 156 -26.90 -5.38 -3.46
N ALA A 157 -26.39 -6.41 -4.14
CA ALA A 157 -27.16 -7.37 -4.94
C ALA A 157 -26.85 -8.74 -4.36
N TYR A 158 -27.82 -9.65 -4.35
CA TYR A 158 -27.57 -11.09 -4.11
C TYR A 158 -26.65 -11.54 -5.26
N ASN A 159 -25.55 -12.27 -4.98
CA ASN A 159 -24.73 -12.87 -6.06
C ASN A 159 -24.98 -14.37 -6.05
N PRO A 160 -25.75 -14.87 -7.04
CA PRO A 160 -26.04 -16.30 -7.14
C PRO A 160 -24.81 -17.22 -7.28
N LYS A 161 -23.69 -16.70 -7.83
CA LYS A 161 -22.43 -17.47 -8.02
C LYS A 161 -21.91 -17.99 -6.68
N ILE A 162 -21.92 -17.11 -5.66
CA ILE A 162 -21.34 -17.34 -4.30
C ILE A 162 -22.47 -17.63 -3.32
N LYS A 163 -23.72 -17.61 -3.78
CA LYS A 163 -24.97 -17.81 -2.99
C LYS A 163 -24.99 -16.87 -1.75
N ARG A 164 -24.64 -15.59 -1.91
CA ARG A 164 -24.77 -14.61 -0.79
C ARG A 164 -24.76 -13.15 -1.27
N ASP A 165 -25.15 -12.23 -0.38
CA ASP A 165 -25.17 -10.75 -0.59
C ASP A 165 -23.73 -10.23 -0.67
N GLU A 166 -23.42 -9.44 -1.70
CA GLU A 166 -22.13 -8.71 -1.79
C GLU A 166 -22.37 -7.21 -2.00
N ARG A 167 -21.35 -6.43 -1.60
CA ARG A 167 -21.35 -4.96 -1.65
C ARG A 167 -20.55 -4.52 -2.87
N THR A 168 -21.13 -3.65 -3.70
CA THR A 168 -20.41 -2.95 -4.79
C THR A 168 -20.36 -1.46 -4.44
N LEU A 169 -19.16 -0.87 -4.48
CA LEU A 169 -18.99 0.59 -4.28
C LEU A 169 -19.73 1.34 -5.39
N ILE A 170 -20.45 2.37 -4.99
CA ILE A 170 -21.02 3.40 -5.90
C ILE A 170 -19.82 4.04 -6.64
N ASN A 171 -18.97 4.78 -5.93
CA ASN A 171 -17.73 5.40 -6.48
C ASN A 171 -16.47 4.72 -5.87
N PRO A 172 -15.58 4.08 -6.67
CA PRO A 172 -14.37 3.45 -6.15
C PRO A 172 -13.10 4.31 -6.15
N ASP A 173 -13.27 5.62 -6.27
CA ASP A 173 -12.14 6.56 -6.23
C ASP A 173 -11.40 6.37 -4.89
N ILE A 174 -10.10 6.52 -4.94
CA ILE A 174 -9.19 6.35 -3.76
C ILE A 174 -8.30 7.58 -3.60
N LYS A 175 -7.71 7.67 -2.41
CA LYS A 175 -6.54 8.53 -2.11
C LYS A 175 -5.45 7.70 -1.43
N VAL A 176 -4.23 8.17 -1.53
CA VAL A 176 -3.06 7.59 -0.84
C VAL A 176 -2.86 8.41 0.45
N VAL A 177 -2.65 7.69 1.54
CA VAL A 177 -2.41 8.30 2.86
C VAL A 177 -1.08 7.79 3.39
N ASP A 178 -0.69 8.39 4.49
CA ASP A 178 0.51 8.06 5.31
C ASP A 178 1.80 8.44 4.60
N PHE A 179 2.24 9.67 4.77
CA PHE A 179 3.50 10.19 4.19
C PHE A 179 4.54 10.28 5.32
N GLY A 180 4.35 9.60 6.43
CA GLY A 180 5.33 9.63 7.55
C GLY A 180 6.59 8.81 7.30
N SER A 181 6.65 7.98 6.26
CA SER A 181 7.84 7.24 5.88
C SER A 181 8.40 7.75 4.54
N ALA A 182 7.66 8.63 3.89
CA ALA A 182 7.99 9.11 2.55
C ALA A 182 9.40 9.72 2.62
N THR A 183 10.21 9.44 1.59
CA THR A 183 11.67 9.77 1.64
C THR A 183 12.04 10.50 0.36
N TYR A 184 12.66 11.66 0.46
CA TYR A 184 13.19 12.36 -0.72
C TYR A 184 14.48 11.71 -1.21
N ASP A 185 14.80 11.88 -2.49
CA ASP A 185 15.97 11.21 -3.13
C ASP A 185 17.23 11.55 -2.33
N ASP A 186 17.40 12.81 -1.89
CA ASP A 186 18.66 13.30 -1.25
C ASP A 186 18.69 13.05 0.27
N GLU A 187 17.70 12.41 0.88
CA GLU A 187 17.62 12.21 2.34
C GLU A 187 18.14 10.82 2.74
N HIS A 188 18.33 10.64 4.03
CA HIS A 188 18.70 9.32 4.60
C HIS A 188 17.60 8.32 4.24
N HIS A 189 18.00 7.18 3.73
CA HIS A 189 17.11 6.04 3.42
C HIS A 189 17.16 5.01 4.54
N SER A 190 16.07 4.76 5.22
CA SER A 190 16.00 3.70 6.26
C SER A 190 16.54 2.40 5.66
N THR A 191 17.15 1.58 6.45
CA THR A 191 17.59 0.24 6.06
C THR A 191 16.39 -0.62 5.66
N LEU A 192 15.41 -0.67 6.52
CA LEU A 192 14.23 -1.53 6.31
C LEU A 192 13.02 -0.67 6.10
N VAL A 193 12.35 -0.81 4.96
CA VAL A 193 11.08 -0.10 4.71
C VAL A 193 10.00 -1.10 4.35
N SER A 194 8.78 -0.59 4.29
CA SER A 194 7.59 -1.32 3.80
C SER A 194 7.09 -2.28 4.89
N THR A 195 5.83 -2.66 4.79
CA THR A 195 5.22 -3.72 5.60
C THR A 195 5.62 -5.03 4.89
N ARG A 196 5.87 -6.09 5.63
CA ARG A 196 6.56 -7.27 5.07
C ARG A 196 5.93 -7.77 3.77
N HIS A 197 4.61 -8.05 3.75
CA HIS A 197 3.98 -8.68 2.57
C HIS A 197 4.06 -7.80 1.32
N TYR A 198 4.50 -6.54 1.43
CA TYR A 198 4.59 -5.58 0.30
C TYR A 198 6.04 -5.15 0.04
N ARG A 199 7.00 -5.81 0.72
CA ARG A 199 8.40 -5.42 0.77
C ARG A 199 9.17 -6.00 -0.41
N ALA A 200 9.89 -5.14 -1.13
CA ALA A 200 10.65 -5.51 -2.34
C ALA A 200 11.86 -6.32 -1.97
N PRO A 201 12.34 -7.19 -2.89
CA PRO A 201 13.52 -8.01 -2.61
C PRO A 201 14.80 -7.24 -2.36
N GLU A 202 14.96 -6.09 -2.99
CA GLU A 202 16.17 -5.26 -2.76
C GLU A 202 16.14 -4.76 -1.31
N VAL A 203 14.96 -4.63 -0.72
CA VAL A 203 14.86 -4.21 0.71
C VAL A 203 15.23 -5.40 1.60
N ILE A 204 14.63 -6.56 1.35
CA ILE A 204 14.95 -7.79 2.14
C ILE A 204 16.45 -8.05 2.05
N LEU A 205 17.10 -7.86 0.88
CA LEU A 205 18.54 -8.21 0.71
C LEU A 205 19.47 -7.04 1.07
N ALA A 206 18.92 -5.91 1.51
CA ALA A 206 19.63 -4.73 2.02
C ALA A 206 20.56 -4.18 0.93
N LEU A 207 20.07 -4.11 -0.30
CA LEU A 207 20.89 -3.68 -1.47
C LEU A 207 20.78 -2.17 -1.68
N GLY A 208 19.92 -1.48 -0.96
CA GLY A 208 19.54 -0.08 -1.25
C GLY A 208 18.27 -0.05 -2.05
N TRP A 209 17.52 1.01 -1.93
CA TRP A 209 16.22 1.10 -2.65
C TRP A 209 16.01 2.55 -3.06
N SER A 210 15.01 2.75 -3.90
CA SER A 210 14.54 4.07 -4.40
C SER A 210 13.14 3.83 -4.91
N GLN A 211 12.66 4.64 -5.85
CA GLN A 211 11.26 4.61 -6.35
C GLN A 211 10.82 3.18 -6.68
N PRO A 212 11.63 2.31 -7.28
CA PRO A 212 11.12 1.01 -7.68
C PRO A 212 10.58 0.14 -6.52
N CYS A 213 11.04 0.33 -5.25
CA CYS A 213 10.47 -0.49 -4.12
C CYS A 213 8.96 -0.22 -4.01
N ASP A 214 8.48 0.97 -4.41
CA ASP A 214 7.03 1.33 -4.37
C ASP A 214 6.28 0.52 -5.41
N VAL A 215 6.92 0.31 -6.53
CA VAL A 215 6.32 -0.38 -7.70
C VAL A 215 6.09 -1.86 -7.28
N TRP A 216 7.06 -2.47 -6.65
CA TRP A 216 6.91 -3.84 -6.10
C TRP A 216 5.68 -3.86 -5.17
N SER A 217 5.60 -2.92 -4.22
CA SER A 217 4.48 -2.82 -3.25
C SER A 217 3.17 -2.79 -4.02
N ILE A 218 3.08 -1.97 -5.06
CA ILE A 218 1.82 -1.87 -5.85
C ILE A 218 1.48 -3.21 -6.50
N GLY A 219 2.46 -3.89 -7.06
CA GLY A 219 2.26 -5.21 -7.67
C GLY A 219 1.67 -6.19 -6.64
N CYS A 220 2.19 -6.15 -5.42
CA CYS A 220 1.61 -7.01 -4.33
C CYS A 220 0.22 -6.55 -3.99
N ILE A 221 -0.05 -5.24 -3.92
CA ILE A 221 -1.41 -4.75 -3.62
C ILE A 221 -2.39 -5.26 -4.69
N LEU A 222 -2.00 -5.21 -5.97
CA LEU A 222 -2.97 -5.57 -7.02
C LEU A 222 -3.31 -7.07 -6.91
N ILE A 223 -2.36 -7.94 -6.63
CA ILE A 223 -2.59 -9.40 -6.39
C ILE A 223 -3.64 -9.55 -5.28
N GLU A 224 -3.48 -8.80 -4.18
CA GLU A 224 -4.42 -8.96 -3.05
C GLU A 224 -5.79 -8.47 -3.48
N TYR A 225 -5.88 -7.40 -4.26
CA TYR A 225 -7.22 -6.92 -4.64
C TYR A 225 -7.92 -8.00 -5.50
N TYR A 226 -7.12 -8.63 -6.34
CA TYR A 226 -7.58 -9.63 -7.32
C TYR A 226 -7.98 -10.96 -6.64
N LEU A 227 -7.20 -11.42 -5.65
CA LEU A 227 -7.41 -12.71 -4.93
C LEU A 227 -8.22 -12.56 -3.64
N GLY A 228 -8.12 -11.43 -2.96
CA GLY A 228 -8.61 -11.26 -1.59
C GLY A 228 -7.62 -11.72 -0.52
N PHE A 229 -6.47 -12.22 -0.89
CA PHE A 229 -5.46 -12.72 0.08
C PHE A 229 -4.09 -12.44 -0.49
N THR A 230 -3.07 -12.40 0.38
CA THR A 230 -1.66 -12.26 -0.03
C THR A 230 -1.20 -13.59 -0.61
N VAL A 231 -0.29 -13.54 -1.57
CA VAL A 231 0.48 -14.71 -2.02
C VAL A 231 1.71 -14.85 -1.17
N PHE A 232 1.93 -13.98 -0.17
CA PHE A 232 3.11 -14.10 0.74
C PHE A 232 2.68 -14.23 2.22
N PRO A 233 1.97 -15.32 2.61
CA PRO A 233 1.49 -15.52 3.97
C PRO A 233 2.63 -15.95 4.90
N THR A 234 3.53 -15.00 5.19
CA THR A 234 4.81 -15.24 5.89
C THR A 234 5.11 -14.15 6.89
N HIS A 235 5.92 -14.49 7.86
CA HIS A 235 6.47 -13.51 8.83
C HIS A 235 7.94 -13.78 9.01
N ASP A 236 8.58 -14.40 8.01
CA ASP A 236 10.00 -14.74 8.07
C ASP A 236 10.66 -14.38 6.74
N SER A 237 11.81 -13.72 6.79
CA SER A 237 12.52 -13.18 5.59
C SER A 237 12.92 -14.30 4.64
N LYS A 238 13.52 -15.37 5.12
CA LYS A 238 14.04 -16.41 4.23
C LYS A 238 12.86 -17.14 3.58
N GLU A 239 11.83 -17.39 4.37
CA GLU A 239 10.63 -18.01 3.80
C GLU A 239 10.00 -17.08 2.76
N HIS A 240 9.97 -15.77 3.01
CA HIS A 240 9.42 -14.81 2.03
C HIS A 240 10.14 -14.97 0.67
N LEU A 241 11.46 -15.00 0.70
CA LEU A 241 12.29 -15.26 -0.48
C LEU A 241 11.98 -16.63 -1.09
N ALA A 242 11.78 -17.68 -0.28
CA ALA A 242 11.43 -19.01 -0.87
C ALA A 242 10.10 -18.89 -1.61
N MET A 243 9.18 -18.12 -1.06
CA MET A 243 7.85 -17.89 -1.69
C MET A 243 8.00 -17.09 -3.00
N MET A 244 8.82 -16.04 -3.00
CA MET A 244 9.08 -15.33 -4.28
C MET A 244 9.64 -16.34 -5.30
N GLU A 245 10.60 -17.19 -4.94
CA GLU A 245 11.19 -18.14 -5.90
C GLU A 245 10.15 -19.10 -6.44
N ARG A 246 9.26 -19.58 -5.58
CA ARG A 246 8.18 -20.46 -6.06
C ARG A 246 7.23 -19.69 -7.01
N ILE A 247 6.93 -18.41 -6.73
CA ILE A 247 5.91 -17.65 -7.53
C ILE A 247 6.55 -17.05 -8.80
N LEU A 248 7.81 -16.64 -8.74
CA LEU A 248 8.41 -15.77 -9.78
C LEU A 248 9.65 -16.38 -10.39
N GLY A 249 10.18 -17.47 -9.83
CA GLY A 249 11.38 -18.13 -10.32
C GLY A 249 12.59 -17.71 -9.50
N PRO A 250 13.78 -18.27 -9.80
CA PRO A 250 14.96 -18.06 -8.99
C PRO A 250 15.31 -16.57 -8.94
N LEU A 251 15.86 -16.16 -7.80
CA LEU A 251 16.43 -14.81 -7.65
C LEU A 251 17.54 -14.69 -8.67
N PRO A 252 17.75 -13.48 -9.22
CA PRO A 252 18.95 -13.21 -10.00
C PRO A 252 20.25 -13.38 -9.22
N LYS A 253 21.21 -14.10 -9.80
CA LYS A 253 22.57 -14.33 -9.22
C LYS A 253 23.26 -13.03 -8.81
N HIS A 254 23.14 -11.93 -9.56
CA HIS A 254 23.86 -10.69 -9.20
C HIS A 254 23.30 -10.12 -7.89
N MET A 255 21.99 -10.23 -7.66
CA MET A 255 21.41 -9.77 -6.37
C MET A 255 21.91 -10.68 -5.26
N ILE A 256 22.00 -12.00 -5.47
CA ILE A 256 22.50 -12.92 -4.42
C ILE A 256 23.96 -12.61 -4.10
N GLN A 257 24.77 -12.26 -5.11
CA GLN A 257 26.22 -12.02 -4.89
C GLN A 257 26.42 -10.71 -4.14
N LYS A 258 25.53 -9.76 -4.37
CA LYS A 258 25.64 -8.41 -3.80
C LYS A 258 25.24 -8.39 -2.30
N THR A 259 24.23 -9.17 -1.92
CA THR A 259 23.69 -9.13 -0.55
C THR A 259 24.76 -9.48 0.47
N ARG A 260 24.62 -8.90 1.65
CA ARG A 260 25.37 -9.34 2.84
C ARG A 260 24.52 -10.21 3.77
N LYS A 261 23.29 -10.52 3.39
CA LYS A 261 22.32 -11.35 4.15
C LYS A 261 22.68 -12.83 3.99
N ARG A 262 23.90 -13.21 4.39
CA ARG A 262 24.53 -14.50 3.96
C ARG A 262 23.79 -15.67 4.62
N LYS A 263 23.07 -15.40 5.70
CA LYS A 263 22.28 -16.43 6.42
C LYS A 263 21.18 -17.00 5.53
N TYR A 264 20.72 -16.29 4.51
CA TYR A 264 19.61 -16.75 3.65
C TYR A 264 20.13 -17.66 2.53
N PHE A 265 21.45 -17.75 2.35
CA PHE A 265 22.06 -18.33 1.12
C PHE A 265 23.07 -19.42 1.46
N HIS A 266 23.11 -20.43 0.64
CA HIS A 266 24.12 -21.51 0.73
C HIS A 266 24.69 -21.75 -0.67
N HIS A 267 26.01 -21.75 -0.74
CA HIS A 267 26.68 -21.44 -2.02
C HIS A 267 26.11 -20.08 -2.45
N ASP A 268 25.55 -20.02 -3.65
CA ASP A 268 24.98 -18.76 -4.17
C ASP A 268 23.54 -19.10 -4.54
N ARG A 269 22.89 -19.91 -3.71
CA ARG A 269 21.46 -20.29 -3.88
C ARG A 269 20.74 -20.15 -2.52
N LEU A 270 19.43 -19.92 -2.56
CA LEU A 270 18.62 -19.74 -1.32
C LEU A 270 18.77 -21.01 -0.49
N ASP A 271 19.14 -20.89 0.77
CA ASP A 271 19.34 -22.01 1.74
C ASP A 271 17.98 -22.51 2.22
N TRP A 272 17.33 -23.26 1.34
CA TRP A 272 15.91 -23.60 1.51
C TRP A 272 15.72 -25.09 1.22
N ASP A 273 15.24 -25.81 2.21
CA ASP A 273 14.90 -27.26 2.10
C ASP A 273 13.41 -27.41 1.74
N GLU A 274 13.08 -27.78 0.50
CA GLU A 274 11.67 -27.93 0.04
C GLU A 274 11.00 -29.08 0.80
N HIS A 275 11.78 -29.97 1.42
CA HIS A 275 11.24 -31.17 2.14
C HIS A 275 10.98 -30.90 3.62
N SER A 276 11.41 -29.75 4.16
CA SER A 276 11.08 -29.33 5.55
C SER A 276 9.58 -29.04 5.65
N SER A 277 9.10 -28.88 6.88
CA SER A 277 7.70 -28.45 7.14
C SER A 277 7.43 -27.07 6.51
N ALA A 278 8.37 -26.13 6.66
CA ALA A 278 8.22 -24.78 6.02
C ALA A 278 8.19 -24.92 4.50
N GLY A 279 9.05 -25.79 3.97
CA GLY A 279 9.07 -26.10 2.53
C GLY A 279 7.76 -26.63 2.04
N ARG A 280 7.13 -27.58 2.75
CA ARG A 280 5.77 -28.05 2.36
C ARG A 280 4.76 -26.93 2.42
N TYR A 281 4.84 -26.08 3.44
CA TYR A 281 3.93 -24.91 3.60
C TYR A 281 4.04 -24.00 2.37
N VAL A 282 5.24 -23.66 1.97
CA VAL A 282 5.46 -22.78 0.78
C VAL A 282 4.97 -23.50 -0.50
N SER A 283 5.30 -24.77 -0.69
CA SER A 283 4.85 -25.56 -1.88
C SER A 283 3.33 -25.62 -1.92
N ARG A 284 2.65 -25.69 -0.77
CA ARG A 284 1.16 -25.75 -0.66
C ARG A 284 0.53 -24.40 -0.98
N ARG A 285 1.12 -23.32 -0.49
CA ARG A 285 0.40 -22.03 -0.46
C ARG A 285 0.76 -21.19 -1.69
N CYS A 286 1.91 -21.42 -2.31
CA CYS A 286 2.55 -20.61 -3.37
C CYS A 286 2.76 -21.50 -4.60
N LYS A 287 2.68 -20.87 -5.78
CA LYS A 287 2.75 -21.54 -7.10
C LYS A 287 2.99 -20.44 -8.11
N PRO A 288 3.48 -20.79 -9.31
CA PRO A 288 3.80 -19.82 -10.35
C PRO A 288 2.69 -18.79 -10.48
N LEU A 289 3.08 -17.52 -10.59
CA LEU A 289 2.15 -16.37 -10.56
C LEU A 289 0.94 -16.59 -11.48
N LYS A 290 1.16 -17.02 -12.72
CA LYS A 290 0.02 -17.05 -13.70
C LYS A 290 -0.98 -18.14 -13.31
N GLU A 291 -0.56 -19.13 -12.50
CA GLU A 291 -1.50 -20.15 -11.93
C GLU A 291 -2.53 -19.49 -11.02
N PHE A 292 -2.36 -18.23 -10.55
CA PHE A 292 -3.34 -17.59 -9.65
C PHE A 292 -4.48 -17.00 -10.45
N MET A 293 -4.36 -16.94 -11.77
CA MET A 293 -5.37 -16.25 -12.60
C MET A 293 -6.69 -17.01 -12.48
N LEU A 294 -7.77 -16.27 -12.34
CA LEU A 294 -9.12 -16.84 -12.17
C LEU A 294 -9.76 -17.00 -13.57
N SER A 295 -9.26 -16.32 -14.59
CA SER A 295 -9.78 -16.40 -15.99
C SER A 295 -8.61 -16.27 -16.95
N GLN A 296 -8.79 -16.78 -18.17
CA GLN A 296 -7.78 -16.71 -19.27
C GLN A 296 -8.12 -15.53 -20.20
N ASP A 297 -9.19 -14.76 -19.98
CA ASP A 297 -9.47 -13.66 -20.95
C ASP A 297 -8.35 -12.63 -20.90
N VAL A 298 -8.27 -11.91 -22.01
CA VAL A 298 -7.11 -11.01 -22.30
C VAL A 298 -6.96 -9.96 -21.18
N GLU A 299 -8.07 -9.35 -20.70
CA GLU A 299 -8.16 -8.38 -19.56
C GLU A 299 -7.35 -8.96 -18.38
N HIS A 300 -7.66 -10.21 -17.97
CA HIS A 300 -6.94 -10.91 -16.87
C HIS A 300 -5.47 -11.07 -17.25
N GLU A 301 -5.16 -11.44 -18.50
CA GLU A 301 -3.78 -11.70 -18.94
C GLU A 301 -2.99 -10.39 -18.86
N ARG A 302 -3.64 -9.25 -19.10
CA ARG A 302 -2.94 -7.96 -19.19
C ARG A 302 -2.64 -7.50 -17.75
N LEU A 303 -3.62 -7.63 -16.85
CA LEU A 303 -3.36 -7.35 -15.40
C LEU A 303 -2.15 -8.20 -15.01
N PHE A 304 -2.13 -9.48 -15.32
CA PHE A 304 -1.02 -10.32 -14.83
C PHE A 304 0.25 -9.94 -15.53
N ASP A 305 0.17 -9.41 -16.74
CA ASP A 305 1.41 -8.93 -17.42
C ASP A 305 1.98 -7.71 -16.66
N LEU A 306 1.12 -6.79 -16.30
CA LEU A 306 1.50 -5.62 -15.47
C LEU A 306 2.08 -6.07 -14.11
N ILE A 307 1.33 -6.95 -13.43
CA ILE A 307 1.74 -7.46 -12.10
C ILE A 307 3.12 -8.03 -12.24
N GLN A 308 3.40 -8.88 -13.24
CA GLN A 308 4.69 -9.56 -13.35
C GLN A 308 5.76 -8.52 -13.61
N LYS A 309 5.41 -7.46 -14.33
CA LYS A 309 6.43 -6.41 -14.62
C LYS A 309 6.75 -5.62 -13.33
N MET A 310 5.74 -5.42 -12.48
CA MET A 310 5.92 -4.76 -11.17
C MET A 310 6.71 -5.67 -10.22
N LEU A 311 6.61 -7.00 -10.38
CA LEU A 311 7.33 -7.96 -9.51
C LEU A 311 8.56 -8.49 -10.22
N GLU A 312 9.17 -7.66 -11.06
CA GLU A 312 10.51 -7.92 -11.58
C GLU A 312 11.47 -7.83 -10.39
N TYR A 313 12.31 -8.83 -10.21
CA TYR A 313 13.29 -8.87 -9.11
C TYR A 313 14.26 -7.68 -9.15
N ASP A 314 14.81 -7.37 -10.32
CA ASP A 314 15.93 -6.39 -10.44
C ASP A 314 15.31 -5.00 -10.46
N PRO A 315 15.48 -4.13 -9.44
CA PRO A 315 14.73 -2.86 -9.42
C PRO A 315 15.06 -1.96 -10.63
N ALA A 316 16.23 -2.17 -11.25
CA ALA A 316 16.73 -1.45 -12.45
C ALA A 316 15.95 -1.90 -13.68
N LYS A 317 15.47 -3.14 -13.69
CA LYS A 317 14.64 -3.63 -14.81
C LYS A 317 13.15 -3.43 -14.55
N ARG A 318 12.76 -3.12 -13.30
CA ARG A 318 11.32 -3.15 -12.98
C ARG A 318 10.66 -2.05 -13.79
N ILE A 319 9.37 -2.23 -14.08
CA ILE A 319 8.55 -1.25 -14.80
C ILE A 319 8.51 0.01 -13.91
N THR A 320 8.62 1.20 -14.49
CA THR A 320 8.42 2.48 -13.76
C THR A 320 6.93 2.78 -13.81
N LEU A 321 6.42 3.63 -12.90
CA LEU A 321 4.98 3.92 -12.89
C LEU A 321 4.66 4.76 -14.12
N ARG A 322 5.60 5.53 -14.63
CA ARG A 322 5.32 6.31 -15.86
C ARG A 322 5.01 5.31 -16.99
N GLU A 323 5.76 4.19 -17.06
CA GLU A 323 5.53 3.14 -18.09
C GLU A 323 4.29 2.35 -17.68
N ALA A 324 4.05 2.10 -16.37
CA ALA A 324 2.82 1.40 -15.94
C ALA A 324 1.58 2.13 -16.42
N LEU A 325 1.54 3.47 -16.34
CA LEU A 325 0.29 4.21 -16.60
C LEU A 325 -0.13 4.08 -18.09
N LYS A 326 0.76 3.63 -18.93
CA LYS A 326 0.45 3.46 -20.38
C LYS A 326 0.24 1.98 -20.69
N HIS A 327 0.25 1.10 -19.69
CA HIS A 327 0.05 -0.35 -19.90
C HIS A 327 -1.34 -0.56 -20.47
N PRO A 328 -1.48 -1.49 -21.44
CA PRO A 328 -2.76 -1.80 -22.07
C PRO A 328 -3.86 -2.22 -21.11
N PHE A 329 -3.47 -2.83 -19.98
CA PHE A 329 -4.45 -3.13 -18.90
C PHE A 329 -5.34 -1.90 -18.69
N PHE A 330 -4.82 -0.67 -18.85
CA PHE A 330 -5.56 0.58 -18.52
C PHE A 330 -6.38 1.20 -19.71
N ASP A 331 -6.32 0.69 -20.94
CA ASP A 331 -7.10 1.33 -22.05
C ASP A 331 -8.60 1.38 -21.78
N LEU A 332 -9.19 0.29 -21.29
CA LEU A 332 -10.66 0.27 -21.11
C LEU A 332 -11.11 1.43 -20.23
N LEU A 333 -10.19 2.29 -19.76
CA LEU A 333 -10.52 3.45 -18.90
C LEU A 333 -10.65 4.72 -19.73
N LYS A 334 -9.99 4.78 -20.90
CA LYS A 334 -9.87 6.01 -21.74
C LYS A 334 -10.70 5.83 -23.01
#